data_6U2O
#
_entry.id   6U2O
#
_cell.length_a   53.990
_cell.length_b   79.184
_cell.length_c   54.587
_cell.angle_alpha   90.000
_cell.angle_beta   107.600
_cell.angle_gamma   90.000
#
_symmetry.space_group_name_H-M   'P 1 21 1'
#
loop_
_entity.id
_entity.type
_entity.pdbx_description
1 polymer 'DNA polymerase beta'
2 polymer "DNA (5'-D(*CP*CP*CP*AP*CP*GP*GP*CP*CP*CP*AP*TP*CP*AP*CP*C)-3')"
3 polymer "DNA (5'-D(*GP*GP*TP*GP*AP*TP*GP*GP*GP*C)-3')"
4 polymer "DNA (5'-D(P*GP*TP*GP*GP*G)-3')"
5 non-polymer 'MAGNESIUM ION'
6 non-polymer 'SODIUM ION'
7 non-polymer "2'-deoxy-5'-O-[(R)-hydroxy{[(R)-hydroxy(phosphonooxy)phosphoryl]amino}phosphoryl]adenosine"
8 non-polymer Cisplatin
9 water water
#
loop_
_entity_poly.entity_id
_entity_poly.type
_entity_poly.pdbx_seq_one_letter_code
_entity_poly.pdbx_strand_id
1 'polypeptide(L)'
;MSKRKAPQETLNGGITDMLTELANFEKNVSQAIHKYNAYRKAASVIAKYPHKIKSGAEAKKLPGVGTKIAEKIDEFLATG
KLRKLEKIRQDDTSSSINFLTRVSGIGPSAARKFVDEGIKTLEDLRKNEDKLNHHQRIGLKYFGDFEKRIPREEMLQMQD
IVLNEVKKVDSEYIATVCGSFRRGAESSGDMDVLLTHPSFTSESTKQPKLLHQVVEQLQKVHFITDTLSKGETKFMGVCQ
LPSKNDEKEYPHRRIDIRLIPKDQYYCGVLYFTGSDIFNKNMRAHALEKGFTINEYTIRPLGVTGVAGEPLPVDSEKDIF
DYIQWKYREPKDRSE
;
A
2 'polydeoxyribonucleotide' (DC)(DC)(DC)(DA)(DC)(DG)(DG)(DC)(DC)(DC)(DA)(DT)(DC)(DA)(DC)(DC) T
3 'polydeoxyribonucleotide' (DG)(DG)(DT)(DG)(DA)(DT)(DG)(DG)(DG)(DC) P
4 'polydeoxyribonucleotide' (DG)(DT)(DG)(DG)(DG) D
#
loop_
_chem_comp.id
_chem_comp.type
_chem_comp.name
_chem_comp.formula
CPT non-polymer Cisplatin 'Cl2 H6 N2 Pt'
DA DNA linking 2'-DEOXYADENOSINE-5'-MONOPHOSPHATE 'C10 H14 N5 O6 P'
DC DNA linking 2'-DEOXYCYTIDINE-5'-MONOPHOSPHATE 'C9 H14 N3 O7 P'
DG DNA linking 2'-DEOXYGUANOSINE-5'-MONOPHOSPHATE 'C10 H14 N5 O7 P'
DT DNA linking THYMIDINE-5'-MONOPHOSPHATE 'C10 H15 N2 O8 P'
DZ4 non-polymer 2'-deoxy-5'-O-[(R)-hydroxy{[(R)-hydroxy(phosphonooxy)phosphoryl]amino}phosphoryl]adenosine 'C10 H17 N6 O11 P3'
MG non-polymer 'MAGNESIUM ION' 'Mg 2'
NA non-polymer 'SODIUM ION' 'Na 1'
#
# COMPACT_ATOMS: atom_id res chain seq x y z
N GLN A 8 -13.55 -7.16 -17.00
CA GLN A 8 -14.64 -6.15 -17.23
C GLN A 8 -15.31 -5.79 -15.90
N GLU A 9 -15.27 -4.50 -15.52
CA GLU A 9 -15.86 -3.94 -14.27
C GLU A 9 -17.38 -4.19 -14.24
N THR A 10 -18.08 -3.89 -15.33
CA THR A 10 -19.56 -4.04 -15.50
C THR A 10 -20.01 -5.50 -15.26
N LEU A 11 -19.09 -6.47 -15.34
CA LEU A 11 -19.36 -7.94 -15.24
C LEU A 11 -19.93 -8.27 -13.85
N ASN A 12 -19.15 -8.18 -12.78
CA ASN A 12 -19.62 -8.58 -11.42
C ASN A 12 -19.36 -7.45 -10.41
N GLY A 13 -19.35 -6.20 -10.86
CA GLY A 13 -19.08 -4.98 -10.05
C GLY A 13 -20.01 -4.85 -8.85
N GLY A 14 -21.31 -5.12 -9.03
CA GLY A 14 -22.28 -5.14 -7.92
C GLY A 14 -21.78 -6.00 -6.77
N ILE A 15 -21.30 -7.20 -7.11
CA ILE A 15 -20.81 -8.21 -6.12
C ILE A 15 -19.51 -7.72 -5.49
N THR A 16 -18.54 -7.28 -6.27
CA THR A 16 -17.19 -6.90 -5.72
C THR A 16 -17.38 -5.61 -4.92
N ASP A 17 -18.33 -4.75 -5.29
CA ASP A 17 -18.65 -3.53 -4.51
C ASP A 17 -19.23 -3.99 -3.15
N MET A 18 -20.16 -4.95 -3.17
CA MET A 18 -20.77 -5.55 -1.95
C MET A 18 -19.65 -6.11 -1.04
N LEU A 19 -18.81 -6.98 -1.57
CA LEU A 19 -17.74 -7.65 -0.77
C LEU A 19 -16.76 -6.61 -0.22
N THR A 20 -16.41 -5.60 -1.01
CA THR A 20 -15.40 -4.57 -0.64
C THR A 20 -15.96 -3.75 0.53
N GLU A 21 -17.25 -3.40 0.45
CA GLU A 21 -17.96 -2.64 1.50
C GLU A 21 -17.94 -3.50 2.78
N LEU A 22 -18.27 -4.79 2.66
CA LEU A 22 -18.27 -5.73 3.81
C LEU A 22 -16.82 -5.80 4.35
N ALA A 23 -15.83 -5.95 3.48
CA ALA A 23 -14.39 -5.95 3.89
C ALA A 23 -14.12 -4.73 4.78
N ASN A 24 -14.57 -3.54 4.36
CA ASN A 24 -14.24 -2.27 5.08
C ASN A 24 -14.89 -2.23 6.46
N PHE A 25 -16.16 -2.65 6.58
CA PHE A 25 -16.88 -2.75 7.88
C PHE A 25 -16.20 -3.75 8.82
N GLU A 26 -15.77 -4.92 8.31
CA GLU A 26 -15.02 -5.90 9.14
C GLU A 26 -13.76 -5.22 9.70
N LYS A 27 -12.99 -4.56 8.83
CA LYS A 27 -11.68 -3.93 9.20
C LYS A 27 -11.93 -2.79 10.19
N ASN A 28 -12.79 -1.83 9.85
CA ASN A 28 -12.85 -0.51 10.52
C ASN A 28 -13.77 -0.53 11.74
N VAL A 29 -14.86 -1.29 11.67
CA VAL A 29 -15.87 -1.29 12.76
C VAL A 29 -15.70 -2.53 13.62
N SER A 30 -15.68 -3.68 12.98
CA SER A 30 -15.56 -4.98 13.70
C SER A 30 -14.12 -5.27 14.16
N GLN A 31 -13.08 -4.65 13.62
CA GLN A 31 -11.69 -4.92 14.08
C GLN A 31 -11.38 -6.40 13.85
N ALA A 32 -11.65 -6.88 12.63
CA ALA A 32 -11.53 -8.31 12.25
C ALA A 32 -10.75 -8.38 10.96
N ILE A 33 -9.42 -8.26 11.07
CA ILE A 33 -8.53 -8.04 9.90
C ILE A 33 -8.60 -9.26 8.97
N HIS A 34 -8.70 -10.48 9.53
CA HIS A 34 -8.74 -11.72 8.72
C HIS A 34 -10.08 -11.83 7.98
N LYS A 35 -11.17 -11.35 8.55
CA LYS A 35 -12.44 -11.27 7.77
C LYS A 35 -12.29 -10.21 6.66
N TYR A 36 -11.61 -9.10 6.96
CA TYR A 36 -11.35 -8.03 5.96
C TYR A 36 -10.63 -8.66 4.77
N ASN A 37 -9.53 -9.36 5.04
CA ASN A 37 -8.70 -10.04 4.02
C ASN A 37 -9.55 -11.09 3.27
N ALA A 38 -10.39 -11.82 3.98
CA ALA A 38 -11.24 -12.88 3.38
C ALA A 38 -12.16 -12.24 2.33
N TYR A 39 -12.83 -11.15 2.68
CA TYR A 39 -13.77 -10.44 1.75
C TYR A 39 -12.96 -9.91 0.54
N ARG A 40 -11.81 -9.31 0.79
CA ARG A 40 -10.92 -8.75 -0.27
C ARG A 40 -10.44 -9.87 -1.21
N LYS A 41 -10.02 -11.01 -0.67
CA LYS A 41 -9.59 -12.16 -1.52
C LYS A 41 -10.76 -12.53 -2.45
N ALA A 42 -11.92 -12.83 -1.85
CA ALA A 42 -13.18 -13.17 -2.56
C ALA A 42 -13.45 -12.16 -3.68
N ALA A 43 -13.38 -10.86 -3.40
CA ALA A 43 -13.62 -9.78 -4.37
C ALA A 43 -12.60 -9.84 -5.52
N SER A 44 -11.30 -10.02 -5.20
CA SER A 44 -10.19 -10.19 -6.20
C SER A 44 -10.54 -11.29 -7.20
N VAL A 45 -10.59 -12.55 -6.74
CA VAL A 45 -10.82 -13.72 -7.63
C VAL A 45 -12.11 -13.48 -8.43
N ILE A 46 -13.18 -12.97 -7.81
CA ILE A 46 -14.46 -12.71 -8.52
C ILE A 46 -14.21 -11.69 -9.65
N ALA A 47 -13.50 -10.60 -9.36
CA ALA A 47 -13.24 -9.49 -10.33
C ALA A 47 -12.46 -10.01 -11.55
N LYS A 48 -11.61 -11.02 -11.36
CA LYS A 48 -10.75 -11.64 -12.40
C LYS A 48 -11.50 -12.75 -13.13
N TYR A 49 -12.75 -13.05 -12.76
CA TYR A 49 -13.51 -14.20 -13.30
C TYR A 49 -14.22 -13.77 -14.58
N PRO A 50 -13.96 -14.47 -15.71
CA PRO A 50 -14.39 -14.01 -17.04
C PRO A 50 -15.89 -13.93 -17.36
N HIS A 51 -16.80 -14.35 -16.46
CA HIS A 51 -18.26 -14.39 -16.71
C HIS A 51 -19.07 -13.59 -15.67
N LYS A 52 -20.29 -13.19 -16.06
CA LYS A 52 -21.34 -12.63 -15.17
C LYS A 52 -21.94 -13.76 -14.31
N ILE A 53 -21.62 -13.75 -13.00
CA ILE A 53 -22.09 -14.77 -12.01
C ILE A 53 -23.62 -14.75 -11.94
N LYS A 54 -24.22 -15.94 -11.93
CA LYS A 54 -25.69 -16.15 -11.92
C LYS A 54 -26.14 -16.76 -10.59
N SER A 55 -25.21 -17.24 -9.75
CA SER A 55 -25.59 -17.95 -8.51
C SER A 55 -24.43 -17.93 -7.50
N GLY A 56 -24.78 -17.99 -6.22
CA GLY A 56 -23.80 -18.22 -5.15
C GLY A 56 -23.00 -19.46 -5.46
N ALA A 57 -23.68 -20.53 -5.89
CA ALA A 57 -23.04 -21.85 -6.10
C ALA A 57 -21.96 -21.74 -7.19
N GLU A 58 -22.22 -21.02 -8.28
CA GLU A 58 -21.23 -20.78 -9.37
C GLU A 58 -19.99 -20.11 -8.75
N ALA A 59 -20.20 -19.10 -7.91
CA ALA A 59 -19.12 -18.31 -7.26
C ALA A 59 -18.32 -19.18 -6.27
N LYS A 60 -18.96 -20.14 -5.61
CA LYS A 60 -18.37 -20.96 -4.51
C LYS A 60 -17.25 -21.85 -5.06
N LYS A 61 -17.29 -22.17 -6.35
CA LYS A 61 -16.24 -22.95 -7.05
C LYS A 61 -14.90 -22.23 -6.93
N LEU A 62 -14.91 -20.90 -6.84
CA LEU A 62 -13.68 -20.07 -6.84
C LEU A 62 -13.03 -20.14 -5.46
N PRO A 63 -11.69 -20.21 -5.37
CA PRO A 63 -11.01 -20.31 -4.07
C PRO A 63 -11.08 -18.96 -3.32
N GLY A 64 -11.46 -19.03 -2.05
CA GLY A 64 -11.71 -17.83 -1.22
C GLY A 64 -13.19 -17.48 -1.12
N VAL A 65 -14.03 -18.04 -2.02
CA VAL A 65 -15.51 -17.93 -1.90
C VAL A 65 -16.03 -19.15 -1.13
N GLY A 66 -16.63 -18.94 0.03
CA GLY A 66 -17.16 -20.01 0.91
C GLY A 66 -18.67 -20.03 0.91
N THR A 67 -19.24 -20.76 1.86
CA THR A 67 -20.72 -20.88 1.98
C THR A 67 -21.31 -19.48 2.15
N LYS A 68 -20.70 -18.64 2.98
CA LYS A 68 -21.36 -17.43 3.50
C LYS A 68 -21.33 -16.32 2.44
N ILE A 69 -20.24 -16.18 1.68
CA ILE A 69 -20.25 -15.22 0.54
C ILE A 69 -21.20 -15.74 -0.55
N ALA A 70 -21.25 -17.07 -0.75
CA ALA A 70 -22.14 -17.73 -1.74
C ALA A 70 -23.58 -17.34 -1.41
N GLU A 71 -23.96 -17.46 -0.13
CA GLU A 71 -25.31 -17.09 0.37
C GLU A 71 -25.58 -15.60 0.09
N LYS A 72 -24.59 -14.73 0.32
CA LYS A 72 -24.73 -13.26 0.11
C LYS A 72 -24.93 -12.96 -1.39
N ILE A 73 -24.28 -13.70 -2.27
CA ILE A 73 -24.38 -13.48 -3.74
C ILE A 73 -25.80 -13.88 -4.17
N ASP A 74 -26.31 -15.00 -3.68
CA ASP A 74 -27.71 -15.45 -3.94
C ASP A 74 -28.68 -14.34 -3.57
N GLU A 75 -28.57 -13.80 -2.35
CA GLU A 75 -29.48 -12.72 -1.88
C GLU A 75 -29.30 -11.48 -2.76
N PHE A 76 -28.05 -11.11 -3.09
CA PHE A 76 -27.76 -9.92 -3.92
C PHE A 76 -28.40 -10.08 -5.31
N LEU A 77 -28.27 -11.25 -5.93
CA LEU A 77 -28.72 -11.50 -7.32
C LEU A 77 -30.25 -11.61 -7.36
N ALA A 78 -30.85 -12.15 -6.31
CA ALA A 78 -32.31 -12.38 -6.20
C ALA A 78 -33.03 -11.07 -5.87
N THR A 79 -32.41 -10.18 -5.09
CA THR A 79 -33.04 -8.93 -4.55
C THR A 79 -32.36 -7.65 -5.03
N GLY A 80 -31.14 -7.69 -5.55
CA GLY A 80 -30.36 -6.48 -5.88
C GLY A 80 -29.79 -5.79 -4.64
N LYS A 81 -29.89 -6.42 -3.46
CA LYS A 81 -29.49 -5.82 -2.16
C LYS A 81 -28.92 -6.88 -1.24
N LEU A 82 -28.19 -6.45 -0.22
CA LEU A 82 -27.85 -7.28 0.97
C LEU A 82 -28.37 -6.55 2.21
N ARG A 83 -29.37 -7.14 2.87
CA ARG A 83 -30.07 -6.55 4.05
C ARG A 83 -29.04 -6.07 5.08
N LYS A 84 -28.09 -6.93 5.45
CA LYS A 84 -27.10 -6.61 6.52
C LYS A 84 -26.34 -5.34 6.14
N LEU A 85 -26.05 -5.15 4.85
CA LEU A 85 -25.27 -4.00 4.32
C LEU A 85 -26.17 -2.75 4.30
N GLU A 86 -27.40 -2.87 3.76
CA GLU A 86 -28.42 -1.79 3.80
C GLU A 86 -28.56 -1.27 5.25
N LYS A 87 -28.56 -2.19 6.23
CA LYS A 87 -28.74 -1.82 7.67
C LYS A 87 -27.48 -1.11 8.19
N ILE A 88 -26.29 -1.68 7.98
CA ILE A 88 -25.05 -1.09 8.56
C ILE A 88 -24.79 0.27 7.88
N ARG A 89 -25.31 0.46 6.65
CA ARG A 89 -25.17 1.71 5.84
C ARG A 89 -25.93 2.87 6.51
N GLN A 90 -27.12 2.58 7.06
CA GLN A 90 -28.03 3.56 7.73
C GLN A 90 -27.66 3.71 9.22
N ASP A 91 -26.78 2.88 9.77
CA ASP A 91 -26.40 2.91 11.21
C ASP A 91 -25.44 4.08 11.45
N ASP A 92 -25.83 5.05 12.28
CA ASP A 92 -25.04 6.29 12.51
C ASP A 92 -23.66 5.93 13.07
N THR A 93 -23.57 5.09 14.11
CA THR A 93 -22.28 4.90 14.81
C THR A 93 -21.35 4.18 13.83
N SER A 94 -21.83 3.09 13.25
CA SER A 94 -21.02 2.20 12.39
C SER A 94 -20.57 2.97 11.14
N SER A 95 -21.44 3.74 10.50
CA SER A 95 -21.08 4.49 9.28
C SER A 95 -20.11 5.62 9.66
N SER A 96 -20.24 6.21 10.85
CA SER A 96 -19.34 7.27 11.37
C SER A 96 -17.94 6.70 11.62
N ILE A 97 -17.86 5.54 12.27
CA ILE A 97 -16.59 4.83 12.59
C ILE A 97 -15.87 4.51 11.27
N ASN A 98 -16.60 3.95 10.33
CA ASN A 98 -16.04 3.51 9.03
C ASN A 98 -15.47 4.75 8.31
N PHE A 99 -16.22 5.86 8.32
CA PHE A 99 -15.83 7.12 7.65
C PHE A 99 -14.53 7.69 8.22
N LEU A 100 -14.44 7.77 9.55
CA LEU A 100 -13.30 8.44 10.24
C LEU A 100 -12.00 7.67 9.97
N THR A 101 -12.04 6.36 9.73
CA THR A 101 -10.79 5.60 9.50
C THR A 101 -10.18 6.06 8.18
N ARG A 102 -10.94 6.76 7.32
CA ARG A 102 -10.43 7.33 6.05
C ARG A 102 -9.36 8.39 6.35
N VAL A 103 -9.38 9.00 7.53
CA VAL A 103 -8.35 9.97 7.94
C VAL A 103 -7.06 9.19 8.23
N SER A 104 -5.98 9.46 7.51
CA SER A 104 -4.64 8.89 7.78
C SER A 104 -4.27 9.09 9.25
N GLY A 105 -4.07 7.99 9.97
CA GLY A 105 -3.62 7.98 11.37
C GLY A 105 -4.76 7.67 12.33
N ILE A 106 -5.99 7.77 11.83
CA ILE A 106 -7.20 7.30 12.57
C ILE A 106 -7.45 5.88 12.08
N GLY A 107 -7.17 4.90 12.93
CA GLY A 107 -7.51 3.49 12.69
C GLY A 107 -8.83 3.15 13.37
N PRO A 108 -9.15 1.85 13.42
CA PRO A 108 -10.40 1.38 14.00
C PRO A 108 -10.56 1.74 15.49
N SER A 109 -9.46 1.82 16.22
CA SER A 109 -9.51 2.07 17.68
C SER A 109 -9.77 3.55 17.94
N ALA A 110 -9.03 4.44 17.28
CA ALA A 110 -9.23 5.89 17.42
C ALA A 110 -10.63 6.23 16.91
N ALA A 111 -11.04 5.65 15.78
CA ALA A 111 -12.37 5.91 15.20
C ALA A 111 -13.45 5.56 16.24
N ARG A 112 -13.37 4.40 16.87
CA ARG A 112 -14.41 3.99 17.85
C ARG A 112 -14.41 4.94 19.05
N LYS A 113 -13.25 5.26 19.62
CA LYS A 113 -13.14 6.20 20.76
C LYS A 113 -13.77 7.56 20.37
N PHE A 114 -13.41 8.12 19.21
CA PHE A 114 -13.98 9.42 18.75
C PHE A 114 -15.49 9.32 18.67
N VAL A 115 -16.03 8.24 18.11
CA VAL A 115 -17.51 8.17 17.88
C VAL A 115 -18.20 7.95 19.25
N ASP A 116 -17.53 7.31 20.19
CA ASP A 116 -18.00 7.07 21.59
C ASP A 116 -18.21 8.42 22.30
N GLU A 117 -17.36 9.41 22.06
CA GLU A 117 -17.46 10.76 22.71
C GLU A 117 -18.07 11.78 21.74
N GLY A 118 -18.81 11.33 20.73
CA GLY A 118 -19.71 12.19 19.91
C GLY A 118 -19.00 12.83 18.72
N ILE A 119 -17.75 12.45 18.44
CA ILE A 119 -16.95 13.04 17.32
C ILE A 119 -17.10 12.14 16.11
N LYS A 120 -17.89 12.55 15.11
CA LYS A 120 -18.37 11.67 14.01
C LYS A 120 -17.99 12.17 12.61
N THR A 121 -17.59 13.44 12.48
CA THR A 121 -17.40 14.11 11.16
C THR A 121 -16.01 14.76 11.13
N LEU A 122 -15.58 15.21 9.95
CA LEU A 122 -14.35 16.04 9.83
C LEU A 122 -14.55 17.29 10.68
N GLU A 123 -15.70 17.94 10.51
CA GLU A 123 -16.02 19.19 11.26
C GLU A 123 -15.77 18.95 12.74
N ASP A 124 -16.21 17.81 13.28
CA ASP A 124 -16.07 17.49 14.72
C ASP A 124 -14.58 17.36 15.09
N LEU A 125 -13.79 16.81 14.16
CA LEU A 125 -12.32 16.67 14.33
C LEU A 125 -11.67 18.05 14.28
N ARG A 126 -12.03 18.89 13.32
CA ARG A 126 -11.50 20.29 13.26
C ARG A 126 -11.75 20.98 14.61
N LYS A 127 -12.85 20.65 15.29
CA LYS A 127 -13.28 21.33 16.54
C LYS A 127 -12.59 20.68 17.75
N ASN A 128 -11.89 19.57 17.55
CA ASN A 128 -11.31 18.77 18.67
C ASN A 128 -9.86 18.36 18.38
N GLU A 129 -9.08 19.27 17.79
CA GLU A 129 -7.70 19.02 17.31
C GLU A 129 -6.78 18.67 18.49
N ASP A 130 -7.08 19.17 19.68
CA ASP A 130 -6.25 18.89 20.89
C ASP A 130 -6.25 17.38 21.15
N LYS A 131 -7.27 16.65 20.69
CA LYS A 131 -7.42 15.19 20.93
C LYS A 131 -6.84 14.36 19.78
N LEU A 132 -6.27 14.97 18.73
CA LEU A 132 -5.58 14.27 17.61
C LEU A 132 -4.10 14.33 17.88
N ASN A 133 -3.38 13.26 17.59
CA ASN A 133 -1.91 13.31 17.49
C ASN A 133 -1.48 14.02 16.18
N HIS A 134 -0.17 14.13 15.99
CA HIS A 134 0.46 14.86 14.84
C HIS A 134 0.03 14.24 13.51
N HIS A 135 0.30 12.94 13.33
CA HIS A 135 -0.07 12.17 12.12
C HIS A 135 -1.54 12.50 11.78
N GLN A 136 -2.41 12.41 12.79
CA GLN A 136 -3.87 12.52 12.57
C GLN A 136 -4.20 13.91 12.04
N ARG A 137 -3.53 14.95 12.55
CA ARG A 137 -3.76 16.37 12.14
C ARG A 137 -3.42 16.54 10.67
N ILE A 138 -2.30 15.96 10.24
CA ILE A 138 -1.84 16.05 8.83
C ILE A 138 -2.87 15.31 7.94
N GLY A 139 -3.33 14.14 8.37
CA GLY A 139 -4.33 13.33 7.66
C GLY A 139 -5.62 14.11 7.46
N LEU A 140 -6.04 14.80 8.53
CA LEU A 140 -7.25 15.65 8.54
C LEU A 140 -7.01 16.81 7.58
N LYS A 141 -5.90 17.53 7.75
CA LYS A 141 -5.52 18.69 6.89
C LYS A 141 -5.53 18.29 5.41
N TYR A 142 -5.09 17.09 5.05
CA TYR A 142 -4.94 16.68 3.62
C TYR A 142 -5.99 15.65 3.25
N PHE A 143 -7.08 15.57 4.01
CA PHE A 143 -8.07 14.48 3.84
C PHE A 143 -8.39 14.31 2.35
N GLY A 144 -8.74 15.39 1.67
CA GLY A 144 -9.18 15.33 0.27
C GLY A 144 -8.03 14.94 -0.63
N ASP A 145 -6.85 15.51 -0.40
CA ASP A 145 -5.67 15.29 -1.28
C ASP A 145 -5.23 13.84 -1.16
N PHE A 146 -5.33 13.24 0.03
CA PHE A 146 -4.84 11.86 0.27
C PHE A 146 -5.70 10.84 -0.49
N GLU A 147 -6.95 11.16 -0.82
CA GLU A 147 -7.83 10.20 -1.54
C GLU A 147 -7.73 10.44 -3.05
N LYS A 148 -7.03 11.49 -3.49
CA LYS A 148 -6.77 11.69 -4.94
C LYS A 148 -5.68 10.71 -5.40
N ARG A 149 -5.75 10.27 -6.65
CA ARG A 149 -4.70 9.42 -7.26
C ARG A 149 -3.68 10.33 -7.95
N ILE A 150 -2.49 9.79 -8.25
CA ILE A 150 -1.35 10.57 -8.81
C ILE A 150 -1.17 10.14 -10.26
N PRO A 151 -1.47 11.01 -11.24
CA PRO A 151 -1.23 10.68 -12.63
C PRO A 151 0.28 10.49 -12.84
N ARG A 152 0.65 9.52 -13.65
CA ARG A 152 2.06 9.16 -13.95
C ARG A 152 2.84 10.41 -14.33
N GLU A 153 2.27 11.34 -15.11
CA GLU A 153 2.96 12.59 -15.52
C GLU A 153 3.50 13.30 -14.27
N GLU A 154 2.68 13.42 -13.22
CA GLU A 154 3.04 14.08 -11.95
C GLU A 154 4.09 13.23 -11.22
N MET A 155 3.94 11.91 -11.26
CA MET A 155 4.88 10.95 -10.62
C MET A 155 6.24 11.14 -11.30
N LEU A 156 6.24 11.27 -12.63
CA LEU A 156 7.47 11.57 -13.42
C LEU A 156 8.11 12.87 -12.91
N GLN A 157 7.32 13.92 -12.74
CA GLN A 157 7.84 15.22 -12.24
C GLN A 157 8.39 15.05 -10.83
N MET A 158 7.73 14.20 -10.04
CA MET A 158 8.12 13.96 -8.63
C MET A 158 9.43 13.17 -8.60
N GLN A 159 9.55 12.11 -9.41
CA GLN A 159 10.81 11.34 -9.54
C GLN A 159 11.95 12.29 -9.94
N ASP A 160 11.74 13.16 -10.94
CA ASP A 160 12.78 14.14 -11.34
C ASP A 160 13.31 14.88 -10.10
N ILE A 161 12.43 15.35 -9.21
CA ILE A 161 12.84 16.16 -8.03
C ILE A 161 13.58 15.24 -7.05
N VAL A 162 13.04 14.06 -6.76
CA VAL A 162 13.68 13.15 -5.77
C VAL A 162 15.06 12.72 -6.29
N LEU A 163 15.22 12.32 -7.55
CA LEU A 163 16.53 11.80 -8.01
C LEU A 163 17.56 12.95 -8.05
N ASN A 164 17.17 14.16 -8.48
CA ASN A 164 18.05 15.36 -8.54
C ASN A 164 18.55 15.71 -7.14
N GLU A 165 17.66 15.82 -6.16
CA GLU A 165 18.02 16.28 -4.80
C GLU A 165 18.89 15.20 -4.14
N VAL A 166 18.53 13.93 -4.32
CA VAL A 166 19.32 12.85 -3.70
C VAL A 166 20.76 13.00 -4.17
N LYS A 167 20.99 12.95 -5.49
CA LYS A 167 22.35 13.03 -6.09
C LYS A 167 23.10 14.29 -5.59
N LYS A 168 22.39 15.39 -5.33
CA LYS A 168 22.98 16.68 -4.91
C LYS A 168 23.48 16.61 -3.46
N VAL A 169 22.79 15.89 -2.58
CA VAL A 169 23.27 15.66 -1.17
C VAL A 169 24.58 14.85 -1.22
N ASP A 170 24.59 13.71 -1.92
CA ASP A 170 25.81 12.89 -2.08
C ASP A 170 25.62 12.09 -3.36
N SER A 171 26.56 12.19 -4.29
CA SER A 171 26.43 11.56 -5.63
C SER A 171 26.50 10.03 -5.50
N GLU A 172 26.91 9.49 -4.35
CA GLU A 172 27.06 8.01 -4.20
C GLU A 172 25.73 7.39 -3.73
N TYR A 173 24.75 8.20 -3.31
CA TYR A 173 23.39 7.67 -3.01
C TYR A 173 22.82 6.99 -4.26
N ILE A 174 22.19 5.82 -4.08
CA ILE A 174 21.30 5.16 -5.08
C ILE A 174 19.87 5.33 -4.59
N ALA A 175 19.00 5.89 -5.43
CA ALA A 175 17.56 6.05 -5.19
C ALA A 175 16.76 5.38 -6.31
N THR A 176 15.73 4.62 -5.97
CA THR A 176 14.77 4.06 -6.95
C THR A 176 13.35 4.39 -6.50
N VAL A 177 12.53 4.90 -7.41
CA VAL A 177 11.05 4.98 -7.19
C VAL A 177 10.49 3.61 -7.55
N CYS A 178 9.88 2.95 -6.57
CA CYS A 178 9.33 1.58 -6.72
C CYS A 178 7.80 1.66 -6.83
N GLY A 179 7.10 0.66 -6.30
CA GLY A 179 5.63 0.64 -6.21
C GLY A 179 4.99 0.49 -7.57
N SER A 180 3.74 0.96 -7.70
CA SER A 180 2.93 0.89 -8.94
C SER A 180 3.65 1.66 -10.05
N PHE A 181 4.32 2.75 -9.68
CA PHE A 181 5.03 3.64 -10.63
C PHE A 181 6.05 2.82 -11.42
N ARG A 182 6.89 2.07 -10.73
CA ARG A 182 7.98 1.32 -11.37
C ARG A 182 7.40 0.22 -12.28
N ARG A 183 6.16 -0.24 -12.02
CA ARG A 183 5.47 -1.27 -12.86
C ARG A 183 4.78 -0.60 -14.07
N GLY A 184 4.94 0.72 -14.24
CA GLY A 184 4.38 1.44 -15.40
C GLY A 184 2.92 1.80 -15.23
N ALA A 185 2.36 1.70 -14.02
CA ALA A 185 0.96 2.09 -13.76
C ALA A 185 0.76 3.52 -14.26
N GLU A 186 -0.40 3.79 -14.87
CA GLU A 186 -0.74 5.13 -15.45
C GLU A 186 -1.11 6.09 -14.30
N SER A 187 -1.44 5.58 -13.12
CA SER A 187 -1.65 6.41 -11.91
C SER A 187 -1.17 5.66 -10.66
N SER A 188 -0.87 6.39 -9.59
CA SER A 188 -0.40 5.78 -8.31
C SER A 188 -1.13 6.38 -7.11
N GLY A 189 -1.18 5.63 -6.02
CA GLY A 189 -1.76 6.07 -4.73
C GLY A 189 -0.79 6.92 -3.93
N ASP A 190 0.51 6.73 -4.15
CA ASP A 190 1.59 7.33 -3.31
C ASP A 190 2.92 7.18 -4.07
N MET A 191 3.99 7.77 -3.53
CA MET A 191 5.36 7.54 -4.07
C MET A 191 6.19 6.75 -3.06
N ASP A 192 6.75 5.62 -3.51
CA ASP A 192 7.61 4.73 -2.72
C ASP A 192 9.06 4.90 -3.18
N VAL A 193 9.92 5.39 -2.30
CA VAL A 193 11.35 5.67 -2.63
C VAL A 193 12.20 4.77 -1.73
N LEU A 194 13.05 3.98 -2.37
CA LEU A 194 14.09 3.16 -1.69
C LEU A 194 15.43 3.87 -1.90
N LEU A 195 16.22 3.96 -0.83
CA LEU A 195 17.49 4.69 -0.81
C LEU A 195 18.57 3.77 -0.25
N THR A 196 19.76 3.79 -0.85
CA THR A 196 20.94 3.13 -0.27
C THR A 196 22.16 3.98 -0.60
N HIS A 197 23.30 3.53 -0.10
CA HIS A 197 24.60 4.25 -0.08
C HIS A 197 25.64 3.20 0.23
N PRO A 198 26.83 3.23 -0.40
CA PRO A 198 27.86 2.21 -0.21
C PRO A 198 28.41 2.17 1.22
N SER A 199 28.29 3.26 1.98
CA SER A 199 28.81 3.34 3.36
C SER A 199 27.93 2.53 4.31
N PHE A 200 26.70 2.20 3.91
CA PHE A 200 25.68 1.53 4.76
C PHE A 200 25.40 0.10 4.25
N THR A 201 25.89 -0.89 5.00
CA THR A 201 25.70 -2.34 4.72
C THR A 201 25.06 -3.01 5.94
N SER A 202 24.89 -4.33 5.89
CA SER A 202 24.38 -5.21 6.98
C SER A 202 25.29 -5.17 8.21
N GLU A 203 26.61 -5.13 8.00
CA GLU A 203 27.62 -5.15 9.10
C GLU A 203 28.01 -3.71 9.46
N SER A 204 27.01 -2.81 9.53
CA SER A 204 27.13 -1.35 9.83
C SER A 204 26.13 -0.97 10.93
N GLN A 207 25.57 5.18 9.50
CA GLN A 207 25.12 6.44 10.16
C GLN A 207 23.61 6.65 9.90
N PRO A 208 22.85 7.15 10.91
CA PRO A 208 21.42 7.45 10.75
C PRO A 208 21.14 8.82 10.11
N LYS A 209 22.20 9.56 9.79
CA LYS A 209 22.09 10.88 9.14
C LYS A 209 21.84 10.67 7.63
N LEU A 210 22.08 9.45 7.11
CA LEU A 210 21.99 9.18 5.66
C LEU A 210 20.56 9.44 5.19
N LEU A 211 19.57 9.01 5.98
CA LEU A 211 18.16 9.26 5.63
C LEU A 211 17.82 10.73 5.93
N HIS A 212 18.17 11.20 7.12
CA HIS A 212 17.86 12.56 7.62
C HIS A 212 18.27 13.59 6.57
N GLN A 213 19.52 13.48 6.09
CA GLN A 213 20.14 14.39 5.10
C GLN A 213 19.28 14.52 3.85
N VAL A 214 18.70 13.43 3.37
CA VAL A 214 17.91 13.41 2.11
C VAL A 214 16.58 14.13 2.35
N VAL A 215 15.90 13.77 3.44
CA VAL A 215 14.62 14.40 3.87
C VAL A 215 14.85 15.92 3.99
N GLU A 216 15.95 16.28 4.63
CA GLU A 216 16.32 17.71 4.89
C GLU A 216 16.45 18.45 3.56
N GLN A 217 17.23 17.92 2.62
CA GLN A 217 17.41 18.55 1.29
C GLN A 217 16.03 18.70 0.63
N LEU A 218 15.18 17.69 0.73
CA LEU A 218 13.85 17.71 0.07
C LEU A 218 12.95 18.73 0.76
N GLN A 219 13.16 18.99 2.06
CA GLN A 219 12.44 20.06 2.79
C GLN A 219 13.03 21.42 2.40
N LYS A 220 14.36 21.52 2.22
CA LYS A 220 15.03 22.81 1.89
C LYS A 220 14.46 23.37 0.59
N VAL A 221 14.19 22.53 -0.42
CA VAL A 221 13.63 22.96 -1.73
C VAL A 221 12.10 22.86 -1.72
N HIS A 222 11.50 22.71 -0.54
CA HIS A 222 10.03 22.81 -0.31
C HIS A 222 9.27 21.78 -1.17
N PHE A 223 9.86 20.61 -1.42
CA PHE A 223 9.16 19.44 -2.02
C PHE A 223 8.43 18.69 -0.90
N ILE A 224 9.13 18.32 0.17
CA ILE A 224 8.49 17.75 1.40
C ILE A 224 7.94 18.89 2.26
N THR A 225 6.63 18.85 2.51
CA THR A 225 5.88 19.89 3.26
C THR A 225 5.57 19.43 4.70
N ASP A 226 5.40 18.14 4.95
CA ASP A 226 5.02 17.64 6.30
C ASP A 226 5.63 16.26 6.54
N THR A 227 5.87 15.93 7.79
CA THR A 227 6.44 14.65 8.28
C THR A 227 5.38 13.95 9.13
N LEU A 228 4.98 12.74 8.75
CA LEU A 228 4.09 11.86 9.55
C LEU A 228 4.95 11.09 10.54
N SER A 229 6.12 10.63 10.09
CA SER A 229 7.02 9.76 10.89
C SER A 229 8.39 9.71 10.22
N LYS A 230 9.46 9.73 11.02
CA LYS A 230 10.87 9.69 10.53
C LYS A 230 11.75 9.01 11.58
N GLY A 231 12.37 7.90 11.20
CA GLY A 231 13.40 7.25 12.03
C GLY A 231 14.73 7.26 11.32
N GLU A 232 15.62 6.38 11.73
CA GLU A 232 16.94 6.15 11.10
C GLU A 232 16.77 5.47 9.73
N THR A 233 15.67 4.75 9.48
CA THR A 233 15.54 3.93 8.23
C THR A 233 14.24 4.19 7.46
N LYS A 234 13.20 4.73 8.08
CA LYS A 234 11.90 4.83 7.38
C LYS A 234 11.34 6.23 7.56
N PHE A 235 11.00 6.88 6.46
CA PHE A 235 10.33 8.18 6.46
C PHE A 235 8.96 8.04 5.83
N MET A 236 7.95 8.60 6.49
CA MET A 236 6.63 8.79 5.87
C MET A 236 6.31 10.28 5.94
N GLY A 237 5.85 10.87 4.84
CA GLY A 237 5.53 12.30 4.85
C GLY A 237 4.65 12.71 3.68
N VAL A 238 4.68 14.02 3.45
CA VAL A 238 3.83 14.70 2.45
C VAL A 238 4.74 15.52 1.57
N CYS A 239 4.54 15.44 0.25
CA CYS A 239 5.20 16.35 -0.71
C CYS A 239 4.17 17.00 -1.62
N GLN A 240 4.63 17.99 -2.39
CA GLN A 240 3.82 18.75 -3.37
C GLN A 240 4.73 19.29 -4.47
N LEU A 241 4.40 19.02 -5.73
CA LEU A 241 5.04 19.65 -6.93
C LEU A 241 4.84 21.16 -6.89
N PRO A 242 5.80 21.97 -7.39
CA PRO A 242 5.63 23.42 -7.38
C PRO A 242 4.72 23.80 -8.55
N SER A 243 3.94 24.87 -8.37
CA SER A 243 2.99 25.42 -9.37
C SER A 243 3.57 26.68 -10.02
N LYS A 244 2.92 27.17 -11.08
CA LYS A 244 3.28 28.41 -11.80
C LYS A 244 2.17 29.45 -11.53
N ASN A 245 2.39 30.31 -10.51
CA ASN A 245 1.47 31.35 -9.93
C ASN A 245 0.06 31.31 -10.54
N ASP A 246 -0.08 31.58 -11.84
CA ASP A 246 -1.39 31.52 -12.55
C ASP A 246 -2.07 30.18 -12.25
N GLU A 247 -1.36 29.09 -12.58
CA GLU A 247 -1.79 27.67 -12.44
C GLU A 247 -2.15 27.35 -10.98
N LYS A 248 -3.19 26.52 -10.80
CA LYS A 248 -3.71 26.04 -9.49
C LYS A 248 -2.69 25.12 -8.81
N GLU A 249 -2.55 25.23 -7.49
CA GLU A 249 -1.68 24.37 -6.65
C GLU A 249 -1.94 22.91 -7.02
N TYR A 250 -0.89 22.11 -7.14
CA TYR A 250 -1.02 20.63 -7.20
C TYR A 250 -1.48 20.09 -5.85
N PRO A 251 -2.16 18.92 -5.82
CA PRO A 251 -2.56 18.30 -4.56
C PRO A 251 -1.33 17.85 -3.77
N HIS A 252 -1.44 17.82 -2.44
CA HIS A 252 -0.45 17.21 -1.53
C HIS A 252 -0.50 15.68 -1.69
N ARG A 253 0.66 15.03 -1.74
CA ARG A 253 0.79 13.58 -2.05
C ARG A 253 1.51 12.87 -0.91
N ARG A 254 1.26 11.57 -0.76
CA ARG A 254 1.98 10.77 0.26
C ARG A 254 3.27 10.26 -0.36
N ILE A 255 4.38 10.39 0.37
CA ILE A 255 5.72 9.86 -0.04
C ILE A 255 6.35 9.11 1.13
N ASP A 256 6.88 7.93 0.84
CA ASP A 256 7.58 7.06 1.81
C ASP A 256 9.00 6.96 1.30
N ILE A 257 9.98 7.16 2.17
CA ILE A 257 11.43 6.95 1.85
C ILE A 257 11.95 5.92 2.84
N ARG A 258 12.57 4.84 2.33
CA ARG A 258 13.19 3.76 3.12
C ARG A 258 14.69 3.71 2.82
N LEU A 259 15.52 3.78 3.86
CA LEU A 259 16.98 3.54 3.74
C LEU A 259 17.25 2.06 4.00
N ILE A 260 17.96 1.41 3.09
CA ILE A 260 18.23 -0.05 3.07
C ILE A 260 19.72 -0.25 2.85
N PRO A 261 20.35 -1.17 3.60
CA PRO A 261 21.75 -1.52 3.37
C PRO A 261 21.97 -1.97 1.92
N LYS A 262 23.09 -1.55 1.33
CA LYS A 262 23.44 -1.82 -0.08
C LYS A 262 23.21 -3.30 -0.39
N ASP A 263 23.61 -4.20 0.52
CA ASP A 263 23.63 -5.68 0.29
C ASP A 263 22.26 -6.30 0.50
N GLN A 264 21.25 -5.54 0.91
CA GLN A 264 19.84 -6.01 0.95
C GLN A 264 18.98 -5.17 0.00
N TYR A 265 19.61 -4.30 -0.81
CA TYR A 265 18.91 -3.22 -1.54
C TYR A 265 17.95 -3.86 -2.56
N TYR A 266 18.46 -4.79 -3.36
CA TYR A 266 17.73 -5.36 -4.52
C TYR A 266 16.56 -6.24 -4.04
N CYS A 267 16.74 -7.00 -2.98
CA CYS A 267 15.63 -7.72 -2.28
C CYS A 267 14.54 -6.70 -1.88
N GLY A 268 14.96 -5.51 -1.44
CA GLY A 268 14.05 -4.38 -1.15
C GLY A 268 13.36 -3.87 -2.40
N VAL A 269 14.12 -3.59 -3.45
CA VAL A 269 13.56 -3.08 -4.75
C VAL A 269 12.52 -4.09 -5.27
N LEU A 270 12.87 -5.38 -5.26
CA LEU A 270 11.95 -6.47 -5.70
C LEU A 270 10.68 -6.36 -4.87
N TYR A 271 10.81 -6.34 -3.54
CA TYR A 271 9.64 -6.42 -2.63
C TYR A 271 8.75 -5.17 -2.79
N PHE A 272 9.32 -3.97 -2.64
CA PHE A 272 8.53 -2.69 -2.64
C PHE A 272 8.17 -2.24 -4.06
N THR A 273 8.54 -3.03 -5.08
CA THR A 273 8.12 -2.73 -6.47
C THR A 273 6.92 -3.54 -6.98
N GLY A 274 7.06 -4.86 -6.96
CA GLY A 274 6.22 -5.76 -7.79
C GLY A 274 4.96 -5.87 -6.99
N SER A 275 3.83 -6.19 -7.61
CA SER A 275 2.51 -6.30 -6.93
C SER A 275 2.64 -7.22 -5.70
N ASP A 276 1.83 -6.98 -4.67
CA ASP A 276 1.77 -7.92 -3.51
C ASP A 276 1.48 -9.32 -4.04
N ILE A 277 0.52 -9.48 -4.96
CA ILE A 277 0.16 -10.81 -5.54
C ILE A 277 1.42 -11.43 -6.15
N PHE A 278 2.18 -10.65 -6.90
CA PHE A 278 3.41 -11.13 -7.57
C PHE A 278 4.42 -11.55 -6.51
N ASN A 279 4.55 -10.76 -5.42
CA ASN A 279 5.47 -11.06 -4.30
C ASN A 279 5.08 -12.40 -3.66
N LYS A 280 3.77 -12.62 -3.45
CA LYS A 280 3.27 -13.86 -2.80
C LYS A 280 3.59 -15.04 -3.73
N ASN A 281 3.27 -14.95 -5.02
CA ASN A 281 3.54 -16.01 -6.03
C ASN A 281 5.03 -16.34 -6.10
N MET A 282 5.90 -15.33 -6.23
CA MET A 282 7.37 -15.51 -6.33
C MET A 282 7.88 -16.19 -5.05
N ARG A 283 7.42 -15.73 -3.88
CA ARG A 283 7.75 -16.29 -2.55
C ARG A 283 7.35 -17.78 -2.52
N ALA A 284 6.10 -18.08 -2.92
CA ALA A 284 5.53 -19.44 -2.98
C ALA A 284 6.43 -20.35 -3.82
N HIS A 285 6.80 -19.91 -5.02
CA HIS A 285 7.67 -20.65 -5.98
C HIS A 285 9.07 -20.84 -5.39
N ALA A 286 9.61 -19.83 -4.70
CA ALA A 286 10.96 -19.86 -4.12
C ALA A 286 11.03 -20.96 -3.04
N LEU A 287 9.95 -21.13 -2.27
CA LEU A 287 9.80 -22.23 -1.27
C LEU A 287 9.91 -23.58 -2.00
N GLU A 288 9.20 -23.74 -3.13
CA GLU A 288 9.20 -24.98 -3.97
C GLU A 288 10.64 -25.35 -4.37
N LYS A 289 11.50 -24.33 -4.58
CA LYS A 289 12.89 -24.53 -5.05
C LYS A 289 13.86 -24.47 -3.87
N GLY A 290 13.36 -24.37 -2.64
CA GLY A 290 14.17 -24.48 -1.40
C GLY A 290 14.88 -23.19 -1.03
N PHE A 291 14.27 -22.04 -1.33
CA PHE A 291 14.74 -20.70 -0.90
C PHE A 291 13.64 -19.99 -0.10
N THR A 292 13.99 -19.39 1.03
CA THR A 292 13.12 -18.38 1.70
C THR A 292 13.55 -16.96 1.29
N ILE A 293 12.62 -16.22 0.67
CA ILE A 293 12.77 -14.79 0.31
C ILE A 293 11.92 -13.96 1.27
N ASN A 294 12.54 -12.97 1.92
CA ASN A 294 11.82 -11.85 2.60
C ASN A 294 12.21 -10.54 1.89
N GLU A 295 11.89 -9.40 2.49
CA GLU A 295 12.12 -8.07 1.86
C GLU A 295 13.62 -7.78 1.87
N TYR A 296 14.35 -8.42 2.80
CA TYR A 296 15.78 -8.21 3.11
C TYR A 296 16.68 -9.12 2.26
N THR A 297 16.39 -10.42 2.25
CA THR A 297 17.39 -11.47 1.87
C THR A 297 16.72 -12.64 1.15
N ILE A 298 17.54 -13.41 0.45
CA ILE A 298 17.16 -14.76 -0.05
C ILE A 298 18.08 -15.76 0.62
N ARG A 299 17.49 -16.76 1.27
CA ARG A 299 18.23 -17.79 2.03
C ARG A 299 17.84 -19.16 1.47
N PRO A 300 18.80 -20.09 1.36
CA PRO A 300 18.49 -21.46 0.97
C PRO A 300 17.96 -22.19 2.21
N LEU A 301 16.91 -22.98 2.04
CA LEU A 301 16.42 -23.91 3.09
C LEU A 301 17.24 -25.21 3.01
N GLY A 302 17.75 -25.67 4.15
CA GLY A 302 18.40 -26.98 4.32
C GLY A 302 17.39 -28.13 4.26
N VAL A 303 17.89 -29.36 4.40
CA VAL A 303 17.07 -30.62 4.30
C VAL A 303 15.94 -30.59 5.36
N THR A 304 16.21 -30.07 6.57
CA THR A 304 15.27 -30.04 7.73
C THR A 304 14.46 -28.73 7.77
N GLY A 305 14.59 -27.88 6.74
CA GLY A 305 13.90 -26.58 6.64
C GLY A 305 14.66 -25.45 7.30
N VAL A 306 15.90 -25.70 7.71
CA VAL A 306 16.77 -24.73 8.42
C VAL A 306 17.28 -23.71 7.39
N ALA A 307 17.06 -22.43 7.64
CA ALA A 307 17.41 -21.33 6.72
C ALA A 307 18.93 -21.12 6.81
N GLY A 308 19.60 -21.14 5.66
CA GLY A 308 21.05 -20.88 5.60
C GLY A 308 21.33 -19.38 5.63
N GLU A 309 22.58 -19.00 5.36
CA GLU A 309 22.99 -17.58 5.34
C GLU A 309 22.51 -16.92 4.05
N PRO A 310 22.31 -15.58 4.05
CA PRO A 310 21.82 -14.89 2.87
C PRO A 310 22.83 -15.05 1.72
N LEU A 311 22.32 -15.19 0.51
CA LEU A 311 23.13 -15.28 -0.74
C LEU A 311 23.46 -13.88 -1.25
N PRO A 312 24.59 -13.71 -1.96
CA PRO A 312 24.96 -12.38 -2.45
C PRO A 312 23.95 -12.01 -3.55
N VAL A 313 23.44 -10.79 -3.49
CA VAL A 313 22.51 -10.24 -4.53
C VAL A 313 23.06 -8.86 -4.92
N ASP A 314 23.37 -8.68 -6.21
CA ASP A 314 23.90 -7.43 -6.81
C ASP A 314 22.85 -6.79 -7.74
N SER A 315 21.86 -7.57 -8.18
CA SER A 315 20.76 -7.11 -9.07
C SER A 315 19.46 -7.86 -8.73
N GLU A 316 18.32 -7.35 -9.21
CA GLU A 316 17.02 -8.06 -9.15
C GLU A 316 17.16 -9.42 -9.83
N LYS A 317 17.72 -9.46 -11.04
CA LYS A 317 17.85 -10.69 -11.87
C LYS A 317 18.47 -11.83 -11.06
N ASP A 318 19.47 -11.54 -10.21
CA ASP A 318 20.19 -12.57 -9.42
C ASP A 318 19.18 -13.39 -8.61
N ILE A 319 18.12 -12.75 -8.11
CA ILE A 319 17.09 -13.39 -7.24
C ILE A 319 16.31 -14.37 -8.10
N PHE A 320 15.87 -13.89 -9.25
CA PHE A 320 15.19 -14.68 -10.32
C PHE A 320 16.04 -15.90 -10.70
N ASP A 321 17.32 -15.66 -10.99
CA ASP A 321 18.33 -16.71 -11.32
C ASP A 321 18.31 -17.80 -10.23
N TYR A 322 18.52 -17.41 -8.97
CA TYR A 322 18.60 -18.30 -7.79
C TYR A 322 17.43 -19.28 -7.78
N ILE A 323 16.21 -18.79 -8.05
CA ILE A 323 15.00 -19.66 -7.95
C ILE A 323 14.65 -20.21 -9.34
N GLN A 324 15.61 -20.20 -10.26
CA GLN A 324 15.42 -20.71 -11.64
C GLN A 324 14.08 -20.20 -12.18
N TRP A 325 13.83 -18.89 -12.09
CA TRP A 325 12.65 -18.25 -12.72
C TRP A 325 13.13 -17.42 -13.92
N LYS A 326 12.27 -17.24 -14.93
CA LYS A 326 12.57 -16.36 -16.08
C LYS A 326 12.33 -14.90 -15.64
N TYR A 327 13.37 -14.07 -15.62
CA TYR A 327 13.26 -12.64 -15.20
C TYR A 327 12.01 -12.02 -15.84
N ARG A 328 11.19 -11.27 -15.03
CA ARG A 328 9.93 -10.54 -15.42
C ARG A 328 10.13 -9.06 -15.14
N GLU A 329 10.19 -8.29 -16.22
CA GLU A 329 10.28 -6.81 -16.19
C GLU A 329 9.22 -6.30 -15.21
N PRO A 330 9.46 -5.16 -14.52
CA PRO A 330 8.49 -4.62 -13.57
C PRO A 330 7.07 -4.48 -14.14
N LYS A 331 6.93 -4.05 -15.40
CA LYS A 331 5.60 -3.89 -16.06
C LYS A 331 4.85 -5.23 -16.09
N ASP A 332 5.53 -6.38 -16.09
CA ASP A 332 4.86 -7.71 -16.16
C ASP A 332 4.87 -8.39 -14.78
N ARG A 333 4.51 -7.65 -13.73
CA ARG A 333 4.50 -8.15 -12.32
C ARG A 333 3.18 -7.86 -11.63
N SER A 334 2.08 -7.93 -12.35
CA SER A 334 0.75 -7.77 -11.73
C SER A 334 0.38 -9.02 -10.92
N GLU A 335 0.83 -10.20 -11.34
CA GLU A 335 0.42 -11.50 -10.72
C GLU A 335 1.61 -12.46 -10.68
MG MG E . 2.73 2.72 -3.75
NA NA F . -7.11 5.77 8.71
N1 DZ4 G . 2.95 -3.89 3.35
C2 DZ4 G . 3.58 -3.13 2.43
N3 DZ4 G . 3.94 -3.43 1.19
C4 DZ4 G . 3.59 -4.69 0.89
C5 DZ4 G . 2.95 -5.60 1.71
C6 DZ4 G . 2.60 -5.15 3.02
N6 DZ4 G . 1.99 -5.90 3.94
N7 DZ4 G . 2.75 -6.80 1.05
C8 DZ4 G . 3.29 -6.61 -0.13
N9 DZ4 G . 3.81 -5.34 -0.29
PA DZ4 G . 2.22 0.18 -1.88
PB DZ4 G . 1.62 0.02 -4.71
PG DZ4 G . -0.39 2.19 -5.16
C1' DZ4 G . 4.52 -4.79 -1.47
O1A DZ4 G . 2.51 1.67 -1.85
O1B DZ4 G . 1.74 -1.29 -5.44
O1G DZ4 G . -0.30 2.93 -6.45
C2' DZ4 G . 3.66 -4.64 -2.72
O2A DZ4 G . 1.78 -0.48 -0.60
O2B DZ4 G . 2.75 1.00 -4.82
O2G DZ4 G . -1.82 1.86 -4.80
C3' DZ4 G . 3.63 -3.14 -3.01
O3' DZ4 G . 3.81 -2.91 -4.40
N3A DZ4 G . 1.23 -0.19 -3.13
O3B DZ4 G . 0.36 0.76 -5.38
O3G DZ4 G . 0.34 2.89 -4.04
C4' DZ4 G . 4.78 -2.57 -2.20
O4' DZ4 G . 5.04 -3.50 -1.13
C5' DZ4 G . 4.49 -1.22 -1.57
O5' DZ4 G . 3.59 -0.46 -2.41
PT1 CPT H . -0.37 -8.58 9.18
N1 CPT H . -0.46 -8.19 11.12
N2 CPT H . -2.31 -9.33 9.04
NA NA I . -14.96 -22.83 -1.86
#